data_1KY3
#
_entry.id   1KY3
#
_cell.length_a   49.535
_cell.length_b   55.430
_cell.length_c   60.177
_cell.angle_alpha   90.00
_cell.angle_beta   90.00
_cell.angle_gamma   90.00
#
_symmetry.space_group_name_H-M   'P 21 21 21'
#
loop_
_entity.id
_entity.type
_entity.pdbx_description
1 polymer 'GTP-BINDING PROTEIN YPT7P'
2 non-polymer 'MAGNESIUM ION'
3 non-polymer "GUANOSINE-5'-DIPHOSPHATE"
4 water water
#
_entity_poly.entity_id   1
_entity_poly.type   'polypeptide(L)'
_entity_poly.pdbx_seq_one_letter_code
;MSSRKKNILKVIILGDSGVGKTSLMHRYVNDKYSQQYKATIGADFLTKEVTVDGDKVATMQVWDTAGQERFQSLGVAFYR
GADCCVLVYDVTNASSFENIKSWRDEFLVHANVNSPETFPFVILGNKIDAEESKKIVSEKSAQELAKSLGDIPLFLTSAK
NAINVDTAFEEIARSALQQNQA
;
_entity_poly.pdbx_strand_id   A
#
loop_
_chem_comp.id
_chem_comp.type
_chem_comp.name
_chem_comp.formula
GDP RNA linking GUANOSINE-5'-DIPHOSPHATE 'C10 H15 N5 O11 P2'
MG non-polymer 'MAGNESIUM ION' 'Mg 2'
#
# COMPACT_ATOMS: atom_id res chain seq x y z
N ASN A 7 -19.38 -6.81 4.38
CA ASN A 7 -18.77 -5.55 3.89
C ASN A 7 -17.35 -5.33 4.40
N ILE A 8 -16.48 -6.33 4.49
CA ILE A 8 -15.18 -6.16 5.17
C ILE A 8 -14.05 -6.35 4.18
N LEU A 9 -13.24 -5.31 4.04
CA LEU A 9 -12.18 -5.33 3.04
C LEU A 9 -10.85 -5.63 3.69
N LYS A 10 -10.08 -6.61 3.27
CA LYS A 10 -8.83 -6.95 3.93
C LYS A 10 -7.67 -6.48 3.06
N VAL A 11 -6.87 -5.55 3.57
CA VAL A 11 -5.76 -4.97 2.80
C VAL A 11 -4.45 -5.32 3.50
N ILE A 12 -3.52 -5.94 2.76
CA ILE A 12 -2.18 -6.28 3.27
C ILE A 12 -1.16 -5.25 2.81
N ILE A 13 -0.21 -4.87 3.63
CA ILE A 13 0.85 -3.93 3.24
C ILE A 13 2.21 -4.65 3.33
N LEU A 14 2.90 -4.72 2.21
CA LEU A 14 4.25 -5.31 2.13
C LEU A 14 5.31 -4.33 1.65
N GLY A 15 6.58 -4.69 1.87
CA GLY A 15 7.73 -3.91 1.47
C GLY A 15 8.86 -4.02 2.48
N ASP A 16 10.05 -3.62 2.05
CA ASP A 16 11.24 -3.73 2.87
C ASP A 16 11.05 -2.99 4.20
N SER A 17 11.71 -3.52 5.23
CA SER A 17 11.73 -2.78 6.48
C SER A 17 12.24 -1.35 6.28
N GLY A 18 11.61 -0.34 6.91
CA GLY A 18 12.14 1.02 6.82
C GLY A 18 11.44 1.90 5.84
N VAL A 19 10.59 1.39 4.99
CA VAL A 19 10.03 2.25 3.92
C VAL A 19 8.89 3.14 4.36
N GLY A 20 8.28 2.82 5.48
CA GLY A 20 7.18 3.61 6.05
C GLY A 20 5.86 2.89 6.04
N LYS A 21 5.78 1.55 6.01
CA LYS A 21 4.50 0.83 5.98
C LYS A 21 3.69 1.18 7.21
N THR A 22 4.28 1.05 8.40
CA THR A 22 3.55 1.34 9.64
C THR A 22 3.07 2.80 9.70
N SER A 23 3.93 3.70 9.25
CA SER A 23 3.61 5.13 9.24
C SER A 23 2.46 5.43 8.27
N LEU A 24 2.44 4.75 7.11
CA LEU A 24 1.34 4.94 6.17
C LEU A 24 0.02 4.47 6.77
N MET A 25 0.06 3.30 7.45
CA MET A 25 -1.16 2.87 8.12
C MET A 25 -1.63 3.88 9.15
N HIS A 26 -0.73 4.45 9.98
CA HIS A 26 -1.14 5.39 11.02
C HIS A 26 -1.66 6.68 10.40
N ARG A 27 -1.05 7.12 9.29
CA ARG A 27 -1.57 8.31 8.62
C ARG A 27 -2.98 8.02 8.12
N TYR A 28 -3.20 6.89 7.48
CA TYR A 28 -4.54 6.63 6.94
C TYR A 28 -5.58 6.45 8.04
N VAL A 29 -5.22 5.61 9.04
CA VAL A 29 -6.24 5.24 10.06
C VAL A 29 -6.50 6.34 11.06
N ASN A 30 -5.45 7.06 11.52
CA ASN A 30 -5.57 8.04 12.58
C ASN A 30 -5.17 9.44 12.16
N ASP A 31 -4.80 9.70 10.92
CA ASP A 31 -4.42 11.03 10.47
C ASP A 31 -3.38 11.65 11.38
N LYS A 32 -2.36 10.86 11.69
CA LYS A 32 -1.26 11.33 12.51
C LYS A 32 0.07 10.72 12.08
N TYR A 33 1.16 11.32 12.52
CA TYR A 33 2.52 10.87 12.30
C TYR A 33 3.34 11.24 13.54
N SER A 34 4.09 10.25 14.02
CA SER A 34 5.10 10.64 15.01
C SER A 34 6.40 9.92 14.64
N GLN A 35 7.48 10.66 14.78
CA GLN A 35 8.81 10.07 14.60
C GLN A 35 9.01 9.02 15.69
N GLN A 36 8.34 9.23 16.80
CA GLN A 36 8.35 8.46 18.02
C GLN A 36 7.39 7.29 17.98
N TYR A 37 6.76 7.00 16.84
CA TYR A 37 5.68 6.00 16.85
C TYR A 37 6.23 4.60 17.01
N ILE A 41 2.08 -4.63 19.13
CA ILE A 41 0.94 -4.01 19.77
C ILE A 41 -0.13 -5.06 20.06
N GLY A 42 -0.10 -6.26 19.49
CA GLY A 42 -1.15 -7.21 19.86
C GLY A 42 -2.38 -7.14 18.98
N ALA A 43 -2.40 -6.28 17.98
CA ALA A 43 -3.55 -6.18 17.07
C ALA A 43 -3.09 -6.71 15.71
N ASP A 44 -3.71 -7.70 15.12
CA ASP A 44 -3.14 -8.13 13.84
C ASP A 44 -3.51 -7.13 12.76
N PHE A 45 -4.53 -6.32 13.00
CA PHE A 45 -4.92 -5.34 11.98
C PHE A 45 -5.55 -4.13 12.67
N LEU A 46 -5.57 -3.01 11.95
CA LEU A 46 -6.30 -1.83 12.41
C LEU A 46 -7.51 -1.63 11.47
N THR A 47 -8.60 -1.07 11.95
CA THR A 47 -9.79 -0.86 11.09
C THR A 47 -10.04 0.61 10.86
N LYS A 48 -10.56 0.91 9.68
CA LYS A 48 -11.00 2.28 9.38
C LYS A 48 -12.27 2.15 8.54
N GLU A 49 -13.27 2.97 8.84
CA GLU A 49 -14.46 3.01 7.97
C GLU A 49 -14.12 3.74 6.68
N VAL A 50 -14.49 3.14 5.56
CA VAL A 50 -14.30 3.71 4.23
C VAL A 50 -15.49 4.59 3.89
N THR A 51 -15.32 5.88 3.59
CA THR A 51 -16.43 6.79 3.35
C THR A 51 -16.40 7.18 1.89
N VAL A 52 -17.57 7.26 1.25
CA VAL A 52 -17.65 7.56 -0.19
C VAL A 52 -18.66 8.69 -0.41
N ASP A 53 -18.69 9.27 -1.59
CA ASP A 53 -19.52 10.24 -2.22
C ASP A 53 -20.99 10.14 -1.81
N GLY A 54 -21.26 10.23 -0.52
CA GLY A 54 -22.47 9.70 0.08
C GLY A 54 -22.37 8.18 -0.03
N ASP A 55 -22.93 7.67 -1.11
CA ASP A 55 -22.72 6.39 -1.76
C ASP A 55 -22.94 5.15 -0.89
N LYS A 56 -21.85 4.45 -0.65
CA LYS A 56 -21.68 3.18 0.05
C LYS A 56 -20.47 3.15 0.98
N VAL A 57 -20.49 2.25 1.97
CA VAL A 57 -19.59 2.25 3.09
C VAL A 57 -19.07 0.83 3.33
N ALA A 58 -17.95 0.73 4.01
CA ALA A 58 -17.28 -0.55 4.23
C ALA A 58 -16.30 -0.37 5.39
N THR A 59 -15.89 -1.48 5.97
CA THR A 59 -14.81 -1.48 6.94
C THR A 59 -13.54 -2.01 6.30
N MET A 60 -12.47 -1.22 6.35
CA MET A 60 -11.19 -1.74 5.84
C MET A 60 -10.37 -2.24 7.02
N GLN A 61 -9.83 -3.44 6.92
CA GLN A 61 -8.82 -3.97 7.84
C GLN A 61 -7.44 -3.76 7.19
N VAL A 62 -6.54 -3.07 7.85
CA VAL A 62 -5.21 -2.86 7.33
C VAL A 62 -4.26 -3.76 8.13
N TRP A 63 -3.67 -4.73 7.45
CA TRP A 63 -2.77 -5.72 8.04
C TRP A 63 -1.32 -5.35 7.70
N ASP A 64 -0.55 -4.98 8.71
CA ASP A 64 0.84 -4.54 8.64
C ASP A 64 1.65 -5.79 8.96
N THR A 65 2.87 -5.82 8.50
CA THR A 65 3.68 -7.02 8.61
C THR A 65 4.03 -7.28 10.07
N ALA A 66 3.96 -6.20 10.82
CA ALA A 66 4.13 -5.89 12.20
C ALA A 66 5.11 -6.80 12.93
N ALA A 77 -4.06 -17.97 7.16
CA ALA A 77 -4.79 -17.11 8.11
C ALA A 77 -4.37 -15.65 7.93
N PHE A 78 -3.07 -15.36 7.83
CA PHE A 78 -2.68 -13.98 7.49
C PHE A 78 -3.14 -13.61 6.09
N TYR A 79 -2.98 -14.51 5.13
CA TYR A 79 -3.33 -14.22 3.73
C TYR A 79 -4.80 -14.48 3.43
N ARG A 80 -5.44 -15.34 4.22
CA ARG A 80 -6.84 -15.70 4.00
C ARG A 80 -7.68 -14.46 3.82
N GLY A 81 -8.45 -14.42 2.73
CA GLY A 81 -9.38 -13.37 2.48
C GLY A 81 -8.79 -12.04 2.05
N ALA A 82 -7.52 -11.93 1.68
CA ALA A 82 -7.01 -10.62 1.20
C ALA A 82 -7.79 -10.13 -0.03
N ASP A 83 -8.14 -8.83 -0.03
CA ASP A 83 -8.79 -8.21 -1.17
C ASP A 83 -7.91 -7.24 -1.92
N CYS A 84 -6.81 -6.76 -1.38
CA CYS A 84 -5.82 -5.95 -2.11
C CYS A 84 -4.49 -6.08 -1.41
N CYS A 85 -3.40 -6.01 -2.17
CA CYS A 85 -2.05 -6.02 -1.60
C CYS A 85 -1.34 -4.72 -1.97
N VAL A 86 -0.82 -3.97 -1.04
CA VAL A 86 -0.10 -2.70 -1.24
C VAL A 86 1.37 -3.01 -1.15
N LEU A 87 2.16 -2.56 -2.10
CA LEU A 87 3.60 -2.77 -2.15
C LEU A 87 4.30 -1.42 -1.97
N VAL A 88 5.12 -1.26 -0.92
CA VAL A 88 5.70 0.03 -0.61
C VAL A 88 7.20 0.06 -0.79
N TYR A 89 7.71 1.07 -1.49
CA TYR A 89 9.14 1.36 -1.51
C TYR A 89 9.34 2.78 -0.96
N ASP A 90 10.60 3.11 -0.75
CA ASP A 90 11.07 4.44 -0.27
C ASP A 90 11.83 5.10 -1.40
N VAL A 91 11.43 6.30 -1.81
CA VAL A 91 12.07 6.97 -2.97
C VAL A 91 13.51 7.34 -2.66
N THR A 92 13.94 7.25 -1.40
CA THR A 92 15.32 7.52 -1.06
C THR A 92 16.14 6.24 -0.91
N ASN A 93 15.59 5.08 -1.21
CA ASN A 93 16.27 3.80 -1.02
C ASN A 93 16.10 2.93 -2.26
N ALA A 94 17.16 2.89 -3.09
CA ALA A 94 17.08 2.16 -4.34
C ALA A 94 16.76 0.68 -4.18
N SER A 95 17.40 0.03 -3.19
CA SER A 95 17.14 -1.40 -3.02
C SER A 95 15.65 -1.64 -2.75
N SER A 96 15.00 -0.74 -2.01
CA SER A 96 13.57 -1.01 -1.65
C SER A 96 12.71 -1.00 -2.91
N PHE A 97 13.12 -0.18 -3.88
CA PHE A 97 12.41 -0.15 -5.17
C PHE A 97 12.71 -1.37 -6.00
N GLU A 98 13.99 -1.79 -5.99
CA GLU A 98 14.39 -2.98 -6.78
C GLU A 98 13.68 -4.22 -6.28
N ASN A 99 13.23 -4.19 -5.02
CA ASN A 99 12.55 -5.38 -4.47
C ASN A 99 11.04 -5.38 -4.66
N ILE A 100 10.46 -4.39 -5.36
CA ILE A 100 9.00 -4.37 -5.49
C ILE A 100 8.48 -5.58 -6.25
N LYS A 101 9.08 -5.95 -7.38
CA LYS A 101 8.54 -7.13 -8.06
C LYS A 101 8.68 -8.35 -7.18
N SER A 102 9.79 -8.48 -6.46
CA SER A 102 9.94 -9.63 -5.58
C SER A 102 8.84 -9.71 -4.56
N TRP A 103 8.42 -8.58 -3.99
CA TRP A 103 7.30 -8.62 -3.06
C TRP A 103 5.96 -8.99 -3.72
N ARG A 104 5.68 -8.49 -4.93
CA ARG A 104 4.47 -8.88 -5.66
C ARG A 104 4.42 -10.40 -5.82
N ASP A 105 5.58 -10.91 -6.24
CA ASP A 105 5.67 -12.35 -6.51
C ASP A 105 5.61 -13.17 -5.23
N GLU A 106 6.26 -12.71 -4.17
CA GLU A 106 6.16 -13.41 -2.88
C GLU A 106 4.73 -13.52 -2.43
N PHE A 107 3.96 -12.48 -2.56
CA PHE A 107 2.55 -12.50 -2.24
C PHE A 107 1.83 -13.58 -3.06
N LEU A 108 2.00 -13.50 -4.39
CA LEU A 108 1.29 -14.45 -5.24
C LEU A 108 1.72 -15.90 -5.01
N VAL A 109 2.99 -16.20 -4.69
CA VAL A 109 3.40 -17.57 -4.52
C VAL A 109 2.98 -18.14 -3.15
N HIS A 110 2.53 -17.34 -2.19
CA HIS A 110 2.13 -17.79 -0.88
C HIS A 110 0.65 -17.53 -0.59
N ALA A 111 -0.05 -16.58 -1.23
CA ALA A 111 -1.38 -16.17 -0.79
C ALA A 111 -2.54 -17.01 -1.28
N ASN A 112 -2.31 -17.88 -2.26
CA ASN A 112 -3.39 -18.69 -2.83
C ASN A 112 -4.65 -17.92 -3.16
N VAL A 113 -4.48 -16.85 -3.93
CA VAL A 113 -5.63 -16.04 -4.31
C VAL A 113 -6.44 -16.76 -5.37
N ASN A 114 -7.73 -16.40 -5.48
CA ASN A 114 -8.58 -17.13 -6.44
C ASN A 114 -8.12 -16.96 -7.88
N SER A 115 -7.69 -15.75 -8.25
CA SER A 115 -7.33 -15.41 -9.63
C SER A 115 -6.09 -14.52 -9.68
N PRO A 116 -4.90 -15.12 -9.65
CA PRO A 116 -3.66 -14.36 -9.72
C PRO A 116 -3.64 -13.40 -10.91
N GLU A 117 -4.27 -13.70 -12.02
CA GLU A 117 -4.30 -12.82 -13.18
C GLU A 117 -4.93 -11.47 -12.88
N THR A 118 -5.94 -11.43 -12.00
CA THR A 118 -6.68 -10.19 -11.82
C THR A 118 -6.59 -9.64 -10.40
N PHE A 119 -5.93 -10.29 -9.47
CA PHE A 119 -5.86 -9.83 -8.08
C PHE A 119 -5.22 -8.46 -8.08
N PRO A 120 -5.78 -7.47 -7.40
CA PRO A 120 -5.20 -6.13 -7.44
C PRO A 120 -4.05 -5.85 -6.47
N PHE A 121 -2.98 -5.23 -6.96
CA PHE A 121 -1.93 -4.58 -6.24
C PHE A 121 -2.03 -3.06 -6.39
N VAL A 122 -1.44 -2.37 -5.42
CA VAL A 122 -1.18 -0.92 -5.58
C VAL A 122 0.26 -0.66 -5.15
N ILE A 123 1.04 0.17 -5.81
CA ILE A 123 2.41 0.49 -5.41
C ILE A 123 2.47 1.91 -4.83
N LEU A 124 3.10 2.02 -3.65
CA LEU A 124 3.33 3.35 -3.08
C LEU A 124 4.83 3.66 -3.03
N GLY A 125 5.22 4.82 -3.54
CA GLY A 125 6.61 5.27 -3.39
C GLY A 125 6.58 6.32 -2.29
N ASN A 126 6.97 5.96 -1.08
CA ASN A 126 6.86 6.82 0.10
C ASN A 126 8.08 7.69 0.33
N LYS A 127 7.92 8.68 1.18
CA LYS A 127 8.90 9.69 1.60
C LYS A 127 9.14 10.72 0.51
N ILE A 128 8.10 11.05 -0.27
CA ILE A 128 8.22 12.06 -1.34
C ILE A 128 8.44 13.43 -0.73
N ASP A 129 8.33 13.61 0.58
CA ASP A 129 8.66 14.88 1.24
C ASP A 129 10.16 15.09 1.33
N ALA A 130 10.96 14.10 1.05
CA ALA A 130 12.42 14.21 1.26
C ALA A 130 13.02 15.25 0.34
N GLU A 131 14.11 15.89 0.80
CA GLU A 131 14.81 16.84 -0.05
C GLU A 131 15.27 16.15 -1.34
N GLU A 132 15.32 16.96 -2.41
CA GLU A 132 15.62 16.45 -3.73
C GLU A 132 16.93 15.66 -3.69
N SER A 133 17.90 16.14 -2.96
CA SER A 133 19.22 15.53 -2.98
C SER A 133 19.24 14.13 -2.43
N LYS A 134 18.23 13.77 -1.67
CA LYS A 134 18.19 12.43 -1.08
C LYS A 134 17.37 11.45 -1.90
N LYS A 135 16.53 11.93 -2.79
CA LYS A 135 15.71 11.07 -3.64
C LYS A 135 16.63 10.33 -4.63
N ILE A 136 16.47 9.05 -4.74
CA ILE A 136 17.25 8.13 -5.57
C ILE A 136 16.45 7.57 -6.71
N VAL A 137 15.16 7.33 -6.47
CA VAL A 137 14.35 6.64 -7.46
C VAL A 137 13.54 7.67 -8.21
N SER A 138 13.59 7.64 -9.52
CA SER A 138 12.82 8.61 -10.27
C SER A 138 11.35 8.22 -10.40
N GLU A 139 10.51 9.24 -10.65
CA GLU A 139 9.11 8.90 -10.95
C GLU A 139 8.99 8.08 -12.25
N LYS A 140 9.75 8.37 -13.30
CA LYS A 140 9.72 7.63 -14.57
C LYS A 140 10.05 6.18 -14.33
N SER A 141 11.09 5.92 -13.53
CA SER A 141 11.47 4.52 -13.27
C SER A 141 10.32 3.76 -12.62
N ALA A 142 9.64 4.42 -11.68
CA ALA A 142 8.56 3.71 -11.00
C ALA A 142 7.34 3.55 -11.90
N GLN A 143 7.02 4.51 -12.75
CA GLN A 143 5.90 4.38 -13.69
C GLN A 143 6.14 3.23 -14.65
N GLU A 144 7.41 3.15 -15.09
CA GLU A 144 7.77 2.09 -16.03
C GLU A 144 7.66 0.73 -15.34
N LEU A 145 8.06 0.61 -14.07
CA LEU A 145 7.91 -0.70 -13.42
C LEU A 145 6.43 -1.04 -13.19
N ALA A 146 5.65 -0.06 -12.76
CA ALA A 146 4.24 -0.33 -12.47
C ALA A 146 3.53 -0.75 -13.75
N LYS A 147 3.85 -0.11 -14.87
CA LYS A 147 3.27 -0.58 -16.14
C LYS A 147 3.65 -2.02 -16.46
N SER A 148 4.95 -2.32 -16.35
CA SER A 148 5.51 -3.61 -16.69
C SER A 148 4.92 -4.75 -15.88
N LEU A 149 4.48 -4.48 -14.65
CA LEU A 149 3.88 -5.51 -13.82
C LEU A 149 2.39 -5.65 -14.04
N GLY A 150 1.83 -5.00 -15.07
CA GLY A 150 0.41 -5.23 -15.32
C GLY A 150 -0.43 -3.99 -15.05
N ASP A 151 0.09 -2.82 -15.35
CA ASP A 151 -0.58 -1.53 -15.13
C ASP A 151 -1.04 -1.40 -13.68
N ILE A 152 -0.21 -1.77 -12.72
CA ILE A 152 -0.56 -1.60 -11.30
C ILE A 152 -0.60 -0.12 -10.99
N PRO A 153 -1.64 0.40 -10.33
CA PRO A 153 -1.64 1.81 -9.95
C PRO A 153 -0.45 2.16 -9.07
N LEU A 154 0.12 3.35 -9.30
CA LEU A 154 1.26 3.88 -8.58
C LEU A 154 0.92 5.24 -7.97
N PHE A 155 1.25 5.42 -6.70
CA PHE A 155 1.12 6.72 -6.06
C PHE A 155 2.42 7.06 -5.34
N LEU A 156 2.91 8.28 -5.46
CA LEU A 156 4.01 8.75 -4.59
C LEU A 156 3.37 9.42 -3.38
N THR A 157 3.91 9.13 -2.20
CA THR A 157 3.26 9.53 -0.96
C THR A 157 4.24 10.06 0.09
N SER A 158 3.69 10.79 1.07
CA SER A 158 4.39 11.06 2.31
C SER A 158 3.48 10.82 3.49
N ALA A 159 3.70 9.75 4.27
CA ALA A 159 3.02 9.55 5.55
C ALA A 159 3.31 10.70 6.49
N LYS A 160 4.56 11.19 6.49
CA LYS A 160 4.98 12.25 7.40
C LYS A 160 4.25 13.56 7.14
N ASN A 161 4.15 13.99 5.88
CA ASN A 161 3.63 15.32 5.59
C ASN A 161 2.20 15.25 5.05
N ALA A 162 1.55 14.06 5.09
CA ALA A 162 0.17 13.97 4.58
C ALA A 162 0.09 14.38 3.10
N ILE A 163 0.99 13.80 2.29
CA ILE A 163 0.96 14.04 0.84
C ILE A 163 0.41 12.77 0.16
N ASN A 164 -0.76 12.84 -0.42
CA ASN A 164 -1.30 11.83 -1.31
C ASN A 164 -1.67 10.50 -0.67
N VAL A 165 -1.63 10.35 0.65
CA VAL A 165 -2.00 9.05 1.23
C VAL A 165 -3.49 8.87 1.07
N ASP A 166 -4.24 9.97 1.19
CA ASP A 166 -5.69 9.96 0.93
C ASP A 166 -6.00 9.48 -0.47
N THR A 167 -5.42 10.06 -1.53
CA THR A 167 -5.62 9.62 -2.91
C THR A 167 -5.25 8.16 -3.08
N ALA A 168 -4.10 7.76 -2.56
CA ALA A 168 -3.71 6.37 -2.75
C ALA A 168 -4.70 5.42 -2.10
N PHE A 169 -5.12 5.68 -0.85
CA PHE A 169 -6.06 4.77 -0.19
C PHE A 169 -7.44 4.86 -0.79
N GLU A 170 -7.82 5.95 -1.48
CA GLU A 170 -9.08 5.87 -2.19
C GLU A 170 -9.01 4.81 -3.27
N GLU A 171 -7.86 4.65 -3.97
CA GLU A 171 -7.71 3.61 -4.99
C GLU A 171 -7.54 2.23 -4.34
N ILE A 172 -6.84 2.15 -3.22
CA ILE A 172 -6.75 0.85 -2.51
C ILE A 172 -8.12 0.37 -2.10
N ALA A 173 -8.94 1.30 -1.54
CA ALA A 173 -10.30 0.91 -1.16
C ALA A 173 -11.14 0.55 -2.37
N ARG A 174 -11.09 1.31 -3.46
CA ARG A 174 -11.86 0.96 -4.65
C ARG A 174 -11.48 -0.43 -5.18
N SER A 175 -10.17 -0.68 -5.28
CA SER A 175 -9.63 -1.94 -5.73
C SER A 175 -10.12 -3.09 -4.85
N ALA A 176 -10.09 -2.84 -3.53
CA ALA A 176 -10.51 -3.89 -2.57
C ALA A 176 -12.02 -4.13 -2.66
N LEU A 177 -12.81 -3.08 -2.81
CA LEU A 177 -14.25 -3.23 -3.00
C LEU A 177 -14.55 -4.06 -4.24
N GLN A 178 -13.90 -3.75 -5.37
CA GLN A 178 -14.10 -4.53 -6.59
C GLN A 178 -13.76 -6.00 -6.33
N GLN A 179 -12.61 -6.26 -5.71
CA GLN A 179 -12.19 -7.66 -5.53
C GLN A 179 -13.06 -8.39 -4.55
N ASN A 180 -13.50 -7.70 -3.49
CA ASN A 180 -14.36 -8.37 -2.52
C ASN A 180 -15.69 -8.76 -3.12
N GLN A 181 -16.21 -7.96 -4.06
CA GLN A 181 -17.53 -8.28 -4.62
C GLN A 181 -17.35 -9.15 -5.87
MG MG B . 6.54 -1.39 10.44
PB GDP C . 8.24 0.18 8.17
O1B GDP C . 8.07 0.02 6.69
O2B GDP C . 9.48 -0.53 8.73
O3B GDP C . 6.97 -0.05 9.00
O3A GDP C . 8.58 1.79 8.37
PA GDP C . 8.18 2.79 9.52
O1A GDP C . 8.57 2.25 10.85
O2A GDP C . 6.77 3.30 9.37
O5' GDP C . 9.11 4.04 9.18
C5' GDP C . 10.53 3.88 9.05
C4' GDP C . 11.17 5.19 9.33
O4' GDP C . 10.87 6.06 8.20
C3' GDP C . 10.67 5.87 10.63
O3' GDP C . 11.83 6.61 11.13
C2' GDP C . 9.67 6.88 10.07
O2' GDP C . 9.43 7.93 10.96
C1' GDP C . 10.28 7.24 8.70
N9 GDP C . 9.14 7.66 7.70
C8 GDP C . 7.97 7.00 7.52
N7 GDP C . 7.22 7.64 6.61
C5 GDP C . 7.98 8.74 6.21
C6 GDP C . 7.67 9.75 5.28
O6 GDP C . 6.64 9.83 4.60
N1 GDP C . 8.68 10.70 5.17
C2 GDP C . 9.85 10.65 5.89
N2 GDP C . 10.75 11.63 5.69
N3 GDP C . 10.14 9.69 6.77
C4 GDP C . 9.16 8.78 6.88
#